data_7N3C
#
_entry.id   7N3C
#
_cell.length_a   72.622
_cell.length_b   64.020
_cell.length_c   89.209
_cell.angle_alpha   90.000
_cell.angle_beta   91.091
_cell.angle_gamma   90.000
#
_symmetry.space_group_name_H-M   'P 1 21 1'
#
loop_
_entity.id
_entity.type
_entity.pdbx_description
1 polymer 'S24-202 Fab heavy chain'
2 polymer 'S24-202 Fab light chain'
3 polymer Nucleoprotein
4 non-polymer 1,2-ETHANEDIOL
5 non-polymer 'IODIDE ION'
6 non-polymer 'PHOSPHATE ION'
7 water water
#
loop_
_entity_poly.entity_id
_entity_poly.type
_entity_poly.pdbx_seq_one_letter_code
_entity_poly.pdbx_strand_id
1 'polypeptide(L)'
;EVQLVQSGAEVKKPGESLRISCKGSGYSFSSYWISWVRQMPGKGLEWMGRIDPSDSNTNYSPSFQGHVTISADKSISTAY
LQWSSLKASDTAMYYCARLSVRVWFGELPHYGMDVWGQGTTVTVSSASTKGPSVFPLAPSSKSTSGGTAALGCLVKDYFP
EPVTVSWNSGALTSGVHTFPAVLQSSGLYSLSSVVTVPSSSLGTQTYICNVNHKPSNTKVDKKVEPK
;
H
2 'polypeptide(L)'
;AEIVLTQSPATLSLSPGERATLSCRASQSVSSYLAWYQQKPGQAPRLLIYDASNRASGIPARFSGSGSGTDFTLTISSLE
PEDFAVYYCQQRRNWPLTFGGGTKVETKRTVAAPSVFIFPPSDEQLKSGTASVVCLLNNFYPREAKVQWKVDNALQSGNS
QESVTEQDSKDSTYSLSSTLTLSKADYEKHKVYACEVTHQGLSSPVTKSFNRGE
;
L
3 'polypeptide(L)'
;ANMNNTASWFTALTQHGKEDLKFPRGQGVPINTNSSPDDQIGYYRRATRRIRGGDGKMKDLSPRWYFYYLGTGPEAGLPY
GANKDGIIWVATEGALNTPKDHIGTRNPANNAAIVLQLPQGTTLPKGFYA
;
C
#
loop_
_chem_comp.id
_chem_comp.type
_chem_comp.name
_chem_comp.formula
EDO non-polymer 1,2-ETHANEDIOL 'C2 H6 O2'
IOD non-polymer 'IODIDE ION' 'I -1'
PO4 non-polymer 'PHOSPHATE ION' 'O4 P -3'
#
# COMPACT_ATOMS: atom_id res chain seq x y z
N GLU A 1 24.41 3.88 -2.93
CA GLU A 1 23.08 3.51 -2.45
C GLU A 1 22.16 3.16 -3.63
N VAL A 2 21.34 2.10 -3.45
CA VAL A 2 20.33 1.74 -4.46
C VAL A 2 19.18 2.73 -4.41
N GLN A 3 18.83 3.32 -5.55
CA GLN A 3 17.79 4.33 -5.54
C GLN A 3 16.98 4.28 -6.81
N LEU A 4 15.72 4.71 -6.68
CA LEU A 4 14.83 4.95 -7.79
C LEU A 4 14.31 6.36 -7.64
N VAL A 5 14.42 7.16 -8.68
CA VAL A 5 13.99 8.56 -8.63
C VAL A 5 12.95 8.75 -9.71
N GLN A 6 11.76 9.14 -9.29
CA GLN A 6 10.67 9.32 -10.24
C GLN A 6 10.58 10.76 -10.73
N SER A 7 9.91 10.92 -11.89
CA SER A 7 9.67 12.23 -12.45
C SER A 7 8.63 13.01 -11.61
N GLY A 8 8.52 14.34 -11.88
CA GLY A 8 7.80 15.27 -10.99
C GLY A 8 6.27 15.24 -11.18
N ALA A 9 5.57 15.96 -10.30
CA ALA A 9 4.12 15.98 -10.29
C ALA A 9 3.56 16.40 -11.66
N GLU A 10 2.45 15.81 -12.04
CA GLU A 10 1.76 16.11 -13.28
C GLU A 10 0.33 16.58 -13.04
N VAL A 11 -0.10 17.56 -13.83
CA VAL A 11 -1.45 18.08 -13.77
C VAL A 11 -1.95 18.05 -15.21
N LYS A 12 -2.99 17.28 -15.46
CA LYS A 12 -3.43 17.00 -16.81
C LYS A 12 -4.95 17.10 -16.89
N LYS A 13 -5.45 17.07 -18.12
CA LYS A 13 -6.90 17.07 -18.33
C LYS A 13 -7.39 15.73 -18.90
N PRO A 14 -8.66 15.37 -18.72
CA PRO A 14 -9.13 14.08 -19.22
C PRO A 14 -8.96 13.94 -20.73
N GLY A 15 -8.47 12.76 -21.14
CA GLY A 15 -8.24 12.42 -22.53
C GLY A 15 -6.80 12.58 -22.96
N GLU A 16 -6.02 13.37 -22.22
CA GLU A 16 -4.63 13.58 -22.61
C GLU A 16 -3.80 12.31 -22.38
N SER A 17 -2.78 12.15 -23.17
CA SER A 17 -1.82 11.11 -22.85
C SER A 17 -0.77 11.66 -21.90
N LEU A 18 -0.03 10.74 -21.32
CA LEU A 18 0.95 11.06 -20.28
C LEU A 18 1.91 9.89 -20.13
N ARG A 19 3.21 10.21 -20.04
CA ARG A 19 4.24 9.22 -19.69
C ARG A 19 5.02 9.73 -18.49
N ILE A 20 5.12 8.93 -17.45
CA ILE A 20 5.97 9.29 -16.29
C ILE A 20 7.09 8.27 -16.24
N SER A 21 8.15 8.58 -15.47
CA SER A 21 9.36 7.77 -15.56
C SER A 21 9.94 7.50 -14.19
N CYS A 22 10.92 6.60 -14.19
CA CYS A 22 11.50 6.06 -12.97
C CYS A 22 12.95 5.69 -13.29
N LYS A 23 13.91 6.37 -12.68
CA LYS A 23 15.33 6.22 -13.02
C LYS A 23 16.06 5.49 -11.91
N GLY A 24 16.72 4.38 -12.24
CA GLY A 24 17.48 3.61 -11.24
C GLY A 24 18.94 4.02 -11.17
N SER A 25 19.51 3.99 -9.96
CA SER A 25 20.93 4.25 -9.82
C SER A 25 21.49 3.35 -8.72
N GLY A 26 22.78 3.09 -8.80
CA GLY A 26 23.49 2.29 -7.79
C GLY A 26 23.21 0.80 -7.89
N TYR A 27 22.75 0.31 -9.03
CA TYR A 27 22.55 -1.13 -9.18
C TYR A 27 22.39 -1.46 -10.66
N SER A 28 22.52 -2.74 -11.00
CA SER A 28 22.32 -3.22 -12.37
C SER A 28 20.83 -3.28 -12.69
N PHE A 29 20.38 -2.30 -13.46
CA PHE A 29 18.96 -2.11 -13.72
C PHE A 29 18.33 -3.34 -14.35
N SER A 30 19.05 -4.00 -15.24
CA SER A 30 18.49 -5.15 -15.96
C SER A 30 18.44 -6.42 -15.12
N SER A 31 19.00 -6.42 -13.92
CA SER A 31 19.07 -7.62 -13.10
C SER A 31 17.88 -7.75 -12.16
N TYR A 32 16.92 -6.80 -12.22
CA TYR A 32 15.77 -6.77 -11.33
C TYR A 32 14.57 -6.29 -12.13
N TRP A 33 13.38 -6.72 -11.74
CA TRP A 33 12.19 -6.22 -12.42
C TRP A 33 11.85 -4.83 -11.89
N ILE A 34 10.93 -4.13 -12.57
CA ILE A 34 10.35 -2.87 -12.08
C ILE A 34 8.87 -3.09 -11.97
N SER A 35 8.28 -2.71 -10.84
CA SER A 35 6.84 -2.86 -10.68
C SER A 35 6.23 -1.46 -10.53
N TRP A 36 4.99 -1.25 -11.02
CA TRP A 36 4.28 0.01 -10.80
C TRP A 36 3.05 -0.22 -9.92
N VAL A 37 2.81 0.72 -9.01
CA VAL A 37 1.80 0.58 -7.96
C VAL A 37 1.02 1.88 -7.87
N ARG A 38 -0.30 1.80 -7.76
CA ARG A 38 -1.14 2.99 -7.66
C ARG A 38 -1.69 3.09 -6.24
N GLN A 39 -1.80 4.31 -5.72
CA GLN A 39 -2.49 4.56 -4.46
C GLN A 39 -3.44 5.74 -4.65
N MET A 40 -4.73 5.44 -4.74
CA MET A 40 -5.75 6.48 -4.77
C MET A 40 -5.73 7.26 -3.46
N PRO A 41 -6.14 8.54 -3.50
CA PRO A 41 -6.09 9.36 -2.26
C PRO A 41 -6.89 8.70 -1.15
N GLY A 42 -6.26 8.55 0.00
CA GLY A 42 -6.88 7.91 1.15
C GLY A 42 -7.01 6.40 1.09
N LYS A 43 -6.53 5.74 0.04
CA LYS A 43 -6.81 4.33 -0.21
C LYS A 43 -5.55 3.49 -0.08
N GLY A 44 -5.66 2.19 -0.38
CA GLY A 44 -4.54 1.28 -0.25
C GLY A 44 -3.68 1.19 -1.50
N LEU A 45 -2.72 0.27 -1.46
CA LEU A 45 -1.82 0.01 -2.59
C LEU A 45 -2.46 -0.99 -3.55
N GLU A 46 -2.29 -0.74 -4.88
CA GLU A 46 -2.85 -1.58 -5.95
C GLU A 46 -1.77 -1.83 -6.97
N TRP A 47 -1.55 -3.10 -7.32
CA TRP A 47 -0.51 -3.43 -8.27
C TRP A 47 -1.01 -3.15 -9.70
N MET A 48 -0.17 -2.52 -10.50
CA MET A 48 -0.56 -2.17 -11.86
C MET A 48 0.05 -3.13 -12.87
N GLY A 49 1.29 -3.50 -12.64
CA GLY A 49 1.97 -4.44 -13.51
C GLY A 49 3.47 -4.33 -13.29
N ARG A 50 4.20 -5.06 -14.14
CA ARG A 50 5.66 -5.09 -14.02
C ARG A 50 6.31 -5.27 -15.38
N ILE A 51 7.61 -4.96 -15.42
CA ILE A 51 8.42 -5.19 -16.60
C ILE A 51 9.77 -5.78 -16.17
N ASP A 52 10.24 -6.81 -16.90
CA ASP A 52 11.64 -7.26 -16.83
C ASP A 52 12.46 -6.49 -17.86
N PRO A 53 13.28 -5.51 -17.45
CA PRO A 53 14.04 -4.70 -18.43
C PRO A 53 15.03 -5.49 -19.24
N SER A 54 15.43 -6.68 -18.78
CA SER A 54 16.41 -7.44 -19.56
C SER A 54 15.87 -7.81 -20.93
N ASP A 55 14.59 -8.22 -21.02
CA ASP A 55 13.99 -8.58 -22.31
C ASP A 55 12.67 -7.85 -22.56
N SER A 56 12.35 -6.86 -21.73
CA SER A 56 11.13 -6.05 -21.80
C SER A 56 9.85 -6.89 -21.71
N ASN A 57 9.93 -8.06 -21.08
CA ASN A 57 8.72 -8.85 -20.83
C ASN A 57 7.85 -8.18 -19.77
N THR A 58 6.57 -7.96 -20.10
N THR A 58 6.55 -8.00 -20.07
CA THR A 58 5.64 -7.27 -19.22
CA THR A 58 5.65 -7.17 -19.27
C THR A 58 4.50 -8.18 -18.80
C THR A 58 4.36 -7.91 -18.96
N ASN A 59 3.89 -7.79 -17.71
CA ASN A 59 2.61 -8.35 -17.26
C ASN A 59 1.82 -7.22 -16.61
N TYR A 60 0.48 -7.24 -16.76
CA TYR A 60 -0.39 -6.20 -16.19
C TYR A 60 -1.43 -6.82 -15.27
N SER A 61 -1.84 -6.04 -14.26
CA SER A 61 -3.05 -6.41 -13.54
C SER A 61 -4.26 -6.36 -14.48
N PRO A 62 -5.25 -7.26 -14.31
CA PRO A 62 -6.44 -7.25 -15.20
C PRO A 62 -7.16 -5.91 -15.21
N SER A 63 -7.14 -5.19 -14.09
CA SER A 63 -7.77 -3.88 -13.97
C SER A 63 -7.10 -2.81 -14.81
N PHE A 64 -5.81 -2.96 -15.11
CA PHE A 64 -5.07 -1.92 -15.81
C PHE A 64 -4.71 -2.31 -17.22
N GLN A 65 -4.81 -3.61 -17.58
CA GLN A 65 -4.56 -4.05 -18.95
C GLN A 65 -5.31 -3.17 -19.95
N GLY A 66 -4.59 -2.69 -20.96
CA GLY A 66 -5.21 -1.92 -22.01
C GLY A 66 -5.38 -0.43 -21.71
N HIS A 67 -5.27 0.01 -20.47
CA HIS A 67 -5.37 1.42 -20.13
C HIS A 67 -4.02 2.09 -19.94
N VAL A 68 -2.98 1.30 -19.65
CA VAL A 68 -1.62 1.81 -19.46
C VAL A 68 -0.65 0.91 -20.19
N THR A 69 0.54 1.47 -20.45
CA THR A 69 1.62 0.71 -21.06
C THR A 69 2.87 0.94 -20.22
N ILE A 70 3.52 -0.16 -19.83
CA ILE A 70 4.78 -0.12 -19.07
C ILE A 70 5.91 -0.45 -20.04
N SER A 71 6.97 0.34 -20.03
CA SER A 71 8.12 0.06 -20.90
C SER A 71 9.41 0.41 -20.16
N ALA A 72 10.54 0.13 -20.81
CA ALA A 72 11.82 0.44 -20.17
C ALA A 72 12.86 0.63 -21.25
N ASP A 73 13.81 1.52 -20.96
CA ASP A 73 15.00 1.75 -21.77
C ASP A 73 16.16 1.29 -20.89
N LYS A 74 16.57 0.03 -21.04
CA LYS A 74 17.56 -0.48 -20.09
C LYS A 74 18.92 0.18 -20.26
N SER A 75 19.24 0.71 -21.43
CA SER A 75 20.56 1.32 -21.57
C SER A 75 20.69 2.61 -20.77
N ILE A 76 19.60 3.18 -20.24
CA ILE A 76 19.71 4.38 -19.40
C ILE A 76 18.95 4.15 -18.10
N SER A 77 18.76 2.87 -17.75
CA SER A 77 18.15 2.45 -16.47
C SER A 77 16.86 3.22 -16.16
N THR A 78 15.98 3.34 -17.14
CA THR A 78 14.75 4.10 -16.93
C THR A 78 13.53 3.22 -17.27
N ALA A 79 12.55 3.15 -16.36
CA ALA A 79 11.28 2.54 -16.68
C ALA A 79 10.21 3.62 -16.86
N TYR A 80 9.13 3.27 -17.57
CA TYR A 80 8.09 4.24 -17.91
C TYR A 80 6.72 3.65 -17.67
N LEU A 81 5.78 4.54 -17.38
CA LEU A 81 4.35 4.20 -17.28
C LEU A 81 3.59 5.23 -18.11
N GLN A 82 2.72 4.79 -19.02
CA GLN A 82 2.15 5.67 -20.02
C GLN A 82 0.66 5.39 -20.15
N TRP A 83 -0.13 6.46 -20.28
CA TRP A 83 -1.57 6.41 -20.51
C TRP A 83 -1.85 7.02 -21.87
N SER A 84 -2.76 6.39 -22.61
CA SER A 84 -3.26 6.99 -23.85
C SER A 84 -4.41 7.97 -23.60
N SER A 85 -5.20 7.81 -22.51
CA SER A 85 -6.37 8.70 -22.32
C SER A 85 -6.67 8.79 -20.83
N LEU A 86 -6.10 9.81 -20.17
CA LEU A 86 -6.31 9.91 -18.74
C LEU A 86 -7.78 10.12 -18.41
N LYS A 87 -8.20 9.52 -17.31
CA LYS A 87 -9.50 9.73 -16.72
C LYS A 87 -9.36 10.51 -15.43
N ALA A 88 -10.41 11.26 -15.06
CA ALA A 88 -10.41 11.89 -13.73
C ALA A 88 -10.09 10.88 -12.63
N SER A 89 -10.53 9.63 -12.81
CA SER A 89 -10.31 8.59 -11.82
C SER A 89 -8.86 8.07 -11.79
N ASP A 90 -8.00 8.51 -12.73
CA ASP A 90 -6.58 8.24 -12.62
C ASP A 90 -5.86 9.19 -11.67
N THR A 91 -6.58 10.13 -11.06
CA THR A 91 -5.97 11.00 -10.07
C THR A 91 -5.48 10.18 -8.88
N ALA A 92 -4.17 10.12 -8.68
CA ALA A 92 -3.62 9.19 -7.69
C ALA A 92 -2.12 9.47 -7.52
N MET A 93 -1.51 8.75 -6.57
CA MET A 93 -0.06 8.66 -6.41
C MET A 93 0.41 7.39 -7.10
N TYR A 94 1.48 7.48 -7.87
CA TYR A 94 2.02 6.30 -8.57
C TYR A 94 3.45 6.06 -8.08
N TYR A 95 3.74 4.82 -7.71
CA TYR A 95 5.07 4.43 -7.25
C TYR A 95 5.70 3.45 -8.22
N CYS A 96 6.99 3.58 -8.45
CA CYS A 96 7.70 2.46 -9.04
C CYS A 96 8.55 1.84 -7.97
N ALA A 97 8.84 0.55 -8.12
CA ALA A 97 9.58 -0.18 -7.10
C ALA A 97 10.42 -1.24 -7.80
N ARG A 98 11.62 -1.45 -7.27
CA ARG A 98 12.43 -2.58 -7.70
C ARG A 98 11.85 -3.87 -7.15
N LEU A 99 11.60 -4.81 -8.04
CA LEU A 99 11.02 -6.10 -7.71
C LEU A 99 12.15 -7.13 -7.86
N SER A 100 12.71 -7.53 -6.72
CA SER A 100 13.85 -8.41 -6.69
C SER A 100 13.34 -9.84 -6.76
N VAL A 101 13.76 -10.60 -7.78
CA VAL A 101 13.25 -11.96 -8.00
C VAL A 101 14.33 -12.96 -8.38
N ARG A 102 15.51 -12.51 -8.79
CA ARG A 102 16.55 -13.40 -9.26
C ARG A 102 17.53 -13.73 -8.14
N VAL A 103 18.13 -14.92 -8.23
CA VAL A 103 19.14 -15.37 -7.26
C VAL A 103 20.51 -14.83 -7.69
N TRP A 104 20.97 -13.80 -7.01
CA TRP A 104 22.31 -13.22 -7.20
C TRP A 104 23.18 -13.56 -6.01
N PHE A 105 24.43 -13.89 -6.25
CA PHE A 105 25.26 -14.41 -5.18
C PHE A 105 26.00 -13.33 -4.41
N GLY A 106 26.09 -12.13 -4.95
CA GLY A 106 26.95 -11.13 -4.33
C GLY A 106 26.29 -10.35 -3.22
N GLU A 107 25.05 -10.67 -2.90
N GLU A 107 25.05 -10.65 -2.90
CA GLU A 107 24.25 -9.97 -1.90
CA GLU A 107 24.36 -10.04 -1.77
C GLU A 107 23.14 -10.92 -1.48
C GLU A 107 23.35 -11.05 -1.26
N LEU A 108 22.48 -10.60 -0.36
CA LEU A 108 21.35 -11.41 0.07
C LEU A 108 20.13 -10.78 -0.57
N PRO A 109 19.55 -11.37 -1.60
CA PRO A 109 18.41 -10.73 -2.28
C PRO A 109 17.21 -10.64 -1.35
N HIS A 110 16.56 -9.49 -1.38
CA HIS A 110 15.36 -9.22 -0.58
C HIS A 110 14.17 -9.42 -1.50
N TYR A 111 13.72 -10.67 -1.64
CA TYR A 111 12.74 -10.99 -2.67
C TYR A 111 11.40 -10.29 -2.43
N GLY A 112 10.97 -9.52 -3.41
CA GLY A 112 9.82 -8.64 -3.28
C GLY A 112 10.21 -7.24 -3.69
N MET A 113 9.37 -6.26 -3.32
CA MET A 113 9.58 -4.88 -3.77
C MET A 113 10.50 -4.15 -2.79
N ASP A 114 11.81 -4.31 -3.02
CA ASP A 114 12.72 -3.97 -1.93
C ASP A 114 13.20 -2.53 -1.94
N VAL A 115 13.08 -1.80 -3.05
CA VAL A 115 13.45 -0.38 -3.09
C VAL A 115 12.33 0.36 -3.82
N TRP A 116 11.86 1.45 -3.24
CA TRP A 116 10.75 2.23 -3.80
C TRP A 116 11.20 3.61 -4.22
N GLY A 117 10.67 4.06 -5.36
CA GLY A 117 10.73 5.46 -5.69
C GLY A 117 9.88 6.29 -4.74
N GLN A 118 10.05 7.61 -4.84
CA GLN A 118 9.41 8.54 -3.90
C GLN A 118 7.97 8.83 -4.31
N GLY A 119 7.56 8.40 -5.49
CA GLY A 119 6.19 8.54 -5.96
C GLY A 119 6.01 9.79 -6.81
N THR A 120 5.09 9.70 -7.78
CA THR A 120 4.71 10.81 -8.66
C THR A 120 3.21 11.02 -8.52
N THR A 121 2.76 12.22 -8.18
CA THR A 121 1.31 12.49 -8.18
C THR A 121 0.86 12.86 -9.59
N VAL A 122 -0.31 12.35 -9.98
CA VAL A 122 -0.97 12.72 -11.21
C VAL A 122 -2.36 13.23 -10.82
N THR A 123 -2.67 14.47 -11.22
CA THR A 123 -3.98 15.08 -10.97
C THR A 123 -4.65 15.26 -12.34
N VAL A 124 -5.83 14.70 -12.50
CA VAL A 124 -6.54 14.77 -13.77
C VAL A 124 -7.86 15.52 -13.56
N SER A 125 -8.02 16.65 -14.26
CA SER A 125 -9.20 17.50 -14.05
C SER A 125 -9.38 18.35 -15.30
N SER A 126 -10.64 18.60 -15.67
CA SER A 126 -10.87 19.55 -16.75
C SER A 126 -10.59 20.99 -16.35
N ALA A 127 -10.37 21.26 -15.06
CA ALA A 127 -10.16 22.65 -14.65
C ALA A 127 -8.78 23.18 -15.07
N SER A 128 -8.67 24.50 -15.09
CA SER A 128 -7.42 25.23 -15.23
C SER A 128 -7.09 25.90 -13.91
N THR A 129 -5.86 26.40 -13.82
CA THR A 129 -5.41 27.07 -12.62
C THR A 129 -6.41 28.16 -12.21
N LYS A 130 -6.75 28.18 -10.92
CA LYS A 130 -7.72 29.13 -10.42
C LYS A 130 -7.47 29.36 -8.93
N GLY A 131 -7.47 30.61 -8.48
CA GLY A 131 -7.28 30.87 -7.07
C GLY A 131 -8.59 30.72 -6.32
N PRO A 132 -8.52 30.49 -5.01
CA PRO A 132 -9.73 30.23 -4.24
C PRO A 132 -10.54 31.47 -3.93
N SER A 133 -11.80 31.24 -3.56
CA SER A 133 -12.63 32.23 -2.89
C SER A 133 -12.64 31.89 -1.41
N VAL A 134 -12.59 32.89 -0.55
CA VAL A 134 -12.39 32.64 0.87
C VAL A 134 -13.53 33.26 1.65
N PHE A 135 -14.34 32.41 2.27
CA PHE A 135 -15.49 32.89 2.99
C PHE A 135 -15.35 32.66 4.49
N PRO A 136 -15.92 33.52 5.31
CA PRO A 136 -15.81 33.33 6.76
C PRO A 136 -16.79 32.28 7.26
N LEU A 137 -16.32 31.49 8.24
CA LEU A 137 -17.16 30.63 9.07
C LEU A 137 -17.25 31.33 10.41
N ALA A 138 -18.28 32.14 10.59
CA ALA A 138 -18.32 33.08 11.71
C ALA A 138 -18.77 32.35 12.98
N PRO A 139 -18.15 32.66 14.13
CA PRO A 139 -18.55 32.02 15.38
C PRO A 139 -20.01 32.30 15.71
N SER A 140 -20.67 31.26 16.22
CA SER A 140 -22.09 31.35 16.55
C SER A 140 -22.36 32.43 17.62
N SER A 141 -23.46 33.15 17.43
CA SER A 141 -23.90 34.11 18.44
C SER A 141 -24.37 33.43 19.72
N LYS A 142 -24.48 32.09 19.72
CA LYS A 142 -24.84 31.32 20.90
C LYS A 142 -23.67 30.54 21.48
N SER A 143 -22.44 30.91 21.10
CA SER A 143 -21.26 30.35 21.76
C SER A 143 -21.39 30.45 23.27
N THR A 144 -21.04 29.37 23.97
CA THR A 144 -21.31 29.27 25.41
C THR A 144 -20.55 30.34 26.18
N SER A 145 -21.19 30.86 27.24
CA SER A 145 -20.54 31.85 28.09
C SER A 145 -19.29 31.25 28.72
N GLY A 146 -18.20 32.02 28.70
CA GLY A 146 -16.95 31.62 29.32
C GLY A 146 -16.45 30.24 28.89
N GLY A 147 -16.91 29.77 27.73
CA GLY A 147 -16.52 28.47 27.24
C GLY A 147 -15.66 28.55 26.00
N THR A 148 -15.81 27.58 25.09
CA THR A 148 -15.00 27.47 23.90
C THR A 148 -15.86 27.71 22.66
N ALA A 149 -15.33 28.48 21.72
CA ALA A 149 -16.01 28.78 20.48
C ALA A 149 -15.18 28.28 19.31
N ALA A 150 -15.85 28.15 18.17
CA ALA A 150 -15.20 27.69 16.95
C ALA A 150 -15.47 28.72 15.87
N LEU A 151 -14.48 28.93 15.02
CA LEU A 151 -14.62 29.80 13.88
C LEU A 151 -13.62 29.31 12.85
N GLY A 152 -13.76 29.79 11.63
CA GLY A 152 -12.87 29.31 10.58
C GLY A 152 -13.06 30.05 9.28
N CYS A 153 -12.56 29.44 8.20
CA CYS A 153 -12.76 29.99 6.88
C CYS A 153 -12.83 28.87 5.84
N LEU A 154 -13.69 29.09 4.85
CA LEU A 154 -13.95 28.15 3.77
C LEU A 154 -13.15 28.62 2.57
N VAL A 155 -12.29 27.76 2.06
CA VAL A 155 -11.41 28.09 0.95
C VAL A 155 -11.91 27.26 -0.22
N LYS A 156 -12.70 27.87 -1.09
CA LYS A 156 -13.52 27.10 -2.03
C LYS A 156 -13.07 27.33 -3.47
N ASP A 157 -13.08 26.24 -4.25
CA ASP A 157 -13.00 26.26 -5.74
C ASP A 157 -11.65 26.75 -6.27
N TYR A 158 -10.58 26.08 -5.88
CA TYR A 158 -9.27 26.43 -6.39
C TYR A 158 -8.66 25.22 -7.09
N PHE A 159 -7.64 25.49 -7.91
CA PHE A 159 -7.01 24.43 -8.69
C PHE A 159 -5.64 24.92 -9.14
N PRO A 160 -4.60 24.07 -9.10
CA PRO A 160 -4.60 22.77 -8.43
C PRO A 160 -4.14 22.91 -6.96
N GLU A 161 -3.81 21.80 -6.30
N GLU A 161 -3.80 21.81 -6.30
CA GLU A 161 -3.21 21.85 -4.96
CA GLU A 161 -3.21 21.87 -4.98
C GLU A 161 -1.80 22.41 -5.05
C GLU A 161 -1.79 22.41 -5.05
N PRO A 162 -1.25 22.94 -3.94
CA PRO A 162 -1.82 23.15 -2.61
C PRO A 162 -2.21 24.61 -2.33
N VAL A 163 -2.99 24.80 -1.28
CA VAL A 163 -3.13 26.09 -0.63
C VAL A 163 -2.50 25.98 0.75
N THR A 164 -2.05 27.13 1.25
CA THR A 164 -1.51 27.30 2.59
C THR A 164 -2.50 28.12 3.40
N VAL A 165 -2.67 27.80 4.67
CA VAL A 165 -3.54 28.59 5.55
C VAL A 165 -2.85 28.79 6.88
N SER A 166 -2.75 30.03 7.31
CA SER A 166 -2.30 30.37 8.65
C SER A 166 -3.33 31.29 9.28
N TRP A 167 -3.21 31.49 10.60
CA TRP A 167 -4.13 32.34 11.33
C TRP A 167 -3.35 33.44 12.01
N ASN A 168 -3.84 34.68 11.86
CA ASN A 168 -3.22 35.87 12.49
C ASN A 168 -1.73 35.92 12.20
N SER A 169 -1.38 35.62 10.94
CA SER A 169 0.00 35.66 10.43
C SER A 169 0.94 34.74 11.22
N GLY A 170 0.47 33.54 11.54
CA GLY A 170 1.27 32.58 12.28
C GLY A 170 1.22 32.73 13.79
N ALA A 171 0.54 33.75 14.31
CA ALA A 171 0.48 33.95 15.75
C ALA A 171 -0.46 32.99 16.46
N LEU A 172 -1.39 32.37 15.73
CA LEU A 172 -2.39 31.48 16.31
C LEU A 172 -2.19 30.09 15.70
N THR A 173 -1.71 29.15 16.51
CA THR A 173 -1.47 27.78 16.07
C THR A 173 -2.22 26.73 16.90
N SER A 174 -2.41 26.96 18.19
CA SER A 174 -3.08 25.98 19.03
C SER A 174 -4.55 25.90 18.65
N GLY A 175 -5.06 24.67 18.52
CA GLY A 175 -6.44 24.45 18.17
C GLY A 175 -6.78 24.69 16.72
N VAL A 176 -5.81 24.97 15.86
CA VAL A 176 -6.08 25.07 14.44
C VAL A 176 -6.27 23.67 13.86
N HIS A 177 -7.27 23.51 12.99
CA HIS A 177 -7.39 22.33 12.15
C HIS A 177 -7.63 22.78 10.71
N THR A 178 -6.70 22.44 9.82
CA THR A 178 -6.89 22.71 8.40
C THR A 178 -7.12 21.36 7.72
N PHE A 179 -8.31 21.18 7.17
CA PHE A 179 -8.67 19.85 6.72
C PHE A 179 -8.03 19.54 5.36
N PRO A 180 -7.81 18.27 5.09
CA PRO A 180 -7.41 17.88 3.73
C PRO A 180 -8.41 18.40 2.69
N ALA A 181 -7.88 18.84 1.56
CA ALA A 181 -8.72 19.28 0.46
C ALA A 181 -9.54 18.13 -0.11
N VAL A 182 -10.71 18.47 -0.64
CA VAL A 182 -11.61 17.52 -1.29
C VAL A 182 -11.74 17.94 -2.74
N LEU A 183 -11.49 17.02 -3.67
CA LEU A 183 -11.62 17.32 -5.09
C LEU A 183 -13.07 17.07 -5.47
N GLN A 184 -13.82 18.16 -5.70
CA GLN A 184 -15.25 18.12 -5.98
C GLN A 184 -15.54 17.66 -7.42
N SER A 185 -16.80 17.30 -7.66
CA SER A 185 -17.19 16.79 -8.98
C SER A 185 -17.01 17.84 -10.08
N SER A 186 -16.91 19.11 -9.72
CA SER A 186 -16.56 20.15 -10.66
C SER A 186 -15.10 20.08 -11.11
N GLY A 187 -14.26 19.35 -10.39
CA GLY A 187 -12.85 19.32 -10.74
C GLY A 187 -12.03 20.37 -10.03
N LEU A 188 -12.64 21.12 -9.11
CA LEU A 188 -11.95 22.11 -8.29
C LEU A 188 -11.87 21.61 -6.86
N TYR A 189 -10.86 22.08 -6.14
CA TYR A 189 -10.65 21.70 -4.75
C TYR A 189 -11.36 22.63 -3.77
N SER A 190 -11.62 22.12 -2.57
CA SER A 190 -12.17 22.98 -1.54
C SER A 190 -11.77 22.42 -0.18
N LEU A 191 -11.59 23.30 0.78
CA LEU A 191 -11.25 22.88 2.14
C LEU A 191 -11.71 23.96 3.09
N SER A 192 -11.75 23.59 4.39
CA SER A 192 -11.98 24.53 5.46
C SER A 192 -10.82 24.47 6.44
N SER A 193 -10.51 25.60 7.05
CA SER A 193 -9.60 25.69 8.19
C SER A 193 -10.37 26.27 9.36
N VAL A 194 -10.21 25.68 10.54
CA VAL A 194 -11.00 26.06 11.71
C VAL A 194 -10.08 26.16 12.91
N VAL A 195 -10.53 26.91 13.91
CA VAL A 195 -9.82 27.02 15.17
C VAL A 195 -10.85 27.15 16.26
N THR A 196 -10.55 26.55 17.41
CA THR A 196 -11.33 26.77 18.62
C THR A 196 -10.61 27.77 19.50
N VAL A 197 -11.36 28.70 20.08
CA VAL A 197 -10.81 29.80 20.87
C VAL A 197 -11.73 30.05 22.06
N PRO A 198 -11.26 30.75 23.09
CA PRO A 198 -12.16 31.10 24.19
C PRO A 198 -13.30 31.97 23.71
N SER A 199 -14.51 31.70 24.21
CA SER A 199 -15.66 32.50 23.83
C SER A 199 -15.52 33.94 24.29
N SER A 200 -14.78 34.18 25.38
CA SER A 200 -14.67 35.54 25.88
C SER A 200 -13.78 36.41 25.00
N SER A 201 -12.82 35.81 24.30
CA SER A 201 -11.91 36.57 23.45
C SER A 201 -12.56 37.05 22.16
N LEU A 202 -13.82 36.66 21.90
CA LEU A 202 -14.45 36.96 20.62
C LEU A 202 -14.68 38.46 20.42
N GLY A 203 -14.96 39.18 21.49
CA GLY A 203 -15.18 40.61 21.39
C GLY A 203 -13.96 41.47 21.56
N THR A 204 -12.76 40.87 21.64
CA THR A 204 -11.54 41.64 21.84
C THR A 204 -10.49 41.24 20.82
N GLN A 205 -10.26 39.94 20.65
CA GLN A 205 -9.19 39.44 19.80
C GLN A 205 -9.68 39.36 18.35
N THR A 206 -8.87 39.89 17.44
CA THR A 206 -9.18 39.83 16.02
C THR A 206 -8.64 38.53 15.44
N TYR A 207 -9.41 37.90 14.55
CA TYR A 207 -9.03 36.64 13.93
C TYR A 207 -9.00 36.81 12.42
N ILE A 208 -7.85 36.51 11.81
CA ILE A 208 -7.67 36.67 10.38
C ILE A 208 -7.00 35.42 9.83
N CYS A 209 -7.57 34.84 8.78
CA CYS A 209 -6.95 33.69 8.14
C CYS A 209 -6.24 34.17 6.87
N ASN A 210 -4.99 33.73 6.72
CA ASN A 210 -4.13 34.09 5.60
C ASN A 210 -4.08 32.91 4.64
N VAL A 211 -4.52 33.12 3.41
CA VAL A 211 -4.65 32.04 2.43
C VAL A 211 -3.74 32.33 1.24
N ASN A 212 -2.82 31.41 0.97
CA ASN A 212 -1.91 31.54 -0.17
C ASN A 212 -2.14 30.40 -1.15
N HIS A 213 -2.34 30.75 -2.42
CA HIS A 213 -2.42 29.77 -3.50
C HIS A 213 -1.33 30.13 -4.49
N LYS A 214 -0.17 29.49 -4.35
CA LYS A 214 0.98 29.85 -5.17
C LYS A 214 0.77 29.63 -6.66
N PRO A 215 0.09 28.57 -7.13
CA PRO A 215 -0.09 28.39 -8.59
C PRO A 215 -0.80 29.54 -9.27
N SER A 216 -1.71 30.24 -8.59
CA SER A 216 -2.38 31.40 -9.15
C SER A 216 -1.87 32.72 -8.57
N ASN A 217 -0.80 32.69 -7.77
N ASN A 217 -0.78 32.69 -7.80
CA ASN A 217 -0.27 33.87 -7.08
CA ASN A 217 -0.27 33.85 -7.07
C ASN A 217 -1.38 34.64 -6.38
C ASN A 217 -1.41 34.64 -6.43
N THR A 218 -2.28 33.91 -5.73
CA THR A 218 -3.38 34.48 -5.00
C THR A 218 -3.02 34.51 -3.52
N LYS A 219 -3.16 35.67 -2.91
CA LYS A 219 -2.93 35.86 -1.49
C LYS A 219 -4.14 36.60 -0.95
N VAL A 220 -4.80 36.02 0.05
CA VAL A 220 -6.04 36.53 0.61
C VAL A 220 -5.90 36.59 2.13
N ASP A 221 -6.38 37.68 2.72
CA ASP A 221 -6.50 37.79 4.17
C ASP A 221 -7.97 38.07 4.50
N LYS A 222 -8.61 37.14 5.19
CA LYS A 222 -10.03 37.23 5.52
C LYS A 222 -10.22 37.40 7.02
N LYS A 223 -10.82 38.52 7.43
CA LYS A 223 -11.20 38.71 8.82
C LYS A 223 -12.49 37.95 9.11
N VAL A 224 -12.52 37.24 10.22
CA VAL A 224 -13.65 36.40 10.61
C VAL A 224 -14.23 36.98 11.90
N GLU A 225 -15.47 37.48 11.83
CA GLU A 225 -16.08 38.24 12.90
C GLU A 225 -17.44 37.69 13.27
N PRO A 226 -17.82 37.79 14.56
CA PRO A 226 -19.10 37.30 15.08
C PRO A 226 -20.33 37.78 14.30
N ALA B 1 -8.50 -10.00 -7.07
CA ALA B 1 -8.59 -10.95 -8.17
C ALA B 1 -7.54 -12.05 -8.00
N GLU B 2 -7.84 -13.25 -8.53
CA GLU B 2 -7.03 -14.44 -8.31
C GLU B 2 -6.68 -14.65 -6.85
N ILE B 3 -5.43 -14.50 -6.40
CA ILE B 3 -5.17 -14.76 -4.99
C ILE B 3 -5.54 -13.51 -4.19
N VAL B 4 -6.56 -13.64 -3.34
CA VAL B 4 -7.06 -12.52 -2.51
C VAL B 4 -6.42 -12.57 -1.14
N LEU B 5 -5.87 -11.43 -0.70
CA LEU B 5 -5.25 -11.29 0.62
C LEU B 5 -6.16 -10.45 1.50
N THR B 6 -6.47 -10.96 2.70
CA THR B 6 -7.39 -10.32 3.63
C THR B 6 -6.62 -9.99 4.89
N GLN B 7 -6.57 -8.72 5.26
CA GLN B 7 -5.85 -8.32 6.47
C GLN B 7 -6.82 -8.04 7.61
N SER B 8 -6.45 -8.46 8.82
CA SER B 8 -7.23 -8.32 10.04
C SER B 8 -6.38 -7.80 11.20
N PRO B 9 -6.95 -6.95 12.06
CA PRO B 9 -8.20 -6.24 11.78
C PRO B 9 -7.84 -5.08 10.86
N ALA B 10 -8.82 -4.26 10.45
CA ALA B 10 -8.49 -3.14 9.59
C ALA B 10 -7.74 -2.06 10.37
N THR B 11 -8.07 -1.90 11.65
CA THR B 11 -7.41 -0.95 12.53
C THR B 11 -7.04 -1.67 13.81
N LEU B 12 -5.81 -1.46 14.26
CA LEU B 12 -5.35 -1.90 15.56
C LEU B 12 -5.09 -0.64 16.38
N SER B 13 -5.61 -0.58 17.60
CA SER B 13 -5.48 0.61 18.44
C SER B 13 -4.67 0.23 19.67
N LEU B 14 -3.45 0.70 19.73
CA LEU B 14 -2.50 0.28 20.74
C LEU B 14 -1.71 1.49 21.23
N SER B 15 -0.95 1.27 22.29
CA SER B 15 -0.07 2.31 22.81
C SER B 15 1.39 1.92 22.61
N PRO B 16 2.30 2.89 22.48
CA PRO B 16 3.72 2.55 22.46
C PRO B 16 4.09 1.69 23.68
N GLY B 17 4.93 0.69 23.45
CA GLY B 17 5.29 -0.23 24.50
C GLY B 17 4.54 -1.54 24.44
N GLU B 18 3.43 -1.61 23.72
CA GLU B 18 2.62 -2.80 23.63
C GLU B 18 2.97 -3.62 22.40
N ARG B 19 2.65 -4.92 22.47
CA ARG B 19 2.85 -5.85 21.36
C ARG B 19 1.75 -5.71 20.31
N ALA B 20 2.13 -5.71 19.02
CA ALA B 20 1.18 -5.71 17.93
C ALA B 20 1.26 -7.00 17.13
N THR B 21 0.10 -7.56 16.79
CA THR B 21 0.00 -8.77 15.98
C THR B 21 -0.94 -8.48 14.82
N LEU B 22 -0.41 -8.55 13.60
CA LEU B 22 -1.17 -8.23 12.40
C LEU B 22 -1.36 -9.52 11.60
N SER B 23 -2.53 -9.70 11.02
CA SER B 23 -2.85 -10.96 10.34
C SER B 23 -3.01 -10.73 8.84
N CYS B 24 -2.55 -11.71 8.05
CA CYS B 24 -2.81 -11.74 6.60
C CYS B 24 -3.24 -13.16 6.28
N ARG B 25 -4.37 -13.32 5.58
CA ARG B 25 -4.86 -14.64 5.16
C ARG B 25 -5.08 -14.63 3.65
N ALA B 26 -4.61 -15.67 2.98
CA ALA B 26 -4.71 -15.76 1.52
C ALA B 26 -5.78 -16.76 1.15
N SER B 27 -6.47 -16.48 0.02
CA SER B 27 -7.60 -17.30 -0.41
C SER B 27 -7.16 -18.67 -0.90
N GLN B 28 -5.89 -18.82 -1.27
CA GLN B 28 -5.30 -20.11 -1.56
C GLN B 28 -3.83 -19.99 -1.21
N SER B 29 -3.14 -21.12 -1.15
CA SER B 29 -1.78 -21.12 -0.59
C SER B 29 -0.83 -20.26 -1.42
N VAL B 30 0.02 -19.49 -0.75
CA VAL B 30 1.09 -18.81 -1.45
C VAL B 30 2.46 -19.33 -1.01
N SER B 31 2.47 -20.55 -0.47
CA SER B 31 3.67 -21.14 0.13
C SER B 31 4.31 -20.06 1.01
N SER B 32 5.56 -19.68 0.75
N SER B 32 5.57 -19.68 0.74
CA SER B 32 6.20 -18.65 1.58
CA SER B 32 6.22 -18.67 1.56
C SER B 32 6.37 -17.33 0.84
C SER B 32 6.35 -17.32 0.87
N TYR B 33 5.68 -17.12 -0.27
CA TYR B 33 5.93 -15.96 -1.13
C TYR B 33 5.09 -14.77 -0.69
N LEU B 34 5.36 -14.27 0.53
CA LEU B 34 4.54 -13.22 1.09
C LEU B 34 5.45 -12.16 1.70
N ALA B 35 5.20 -10.90 1.39
CA ALA B 35 6.03 -9.83 1.95
C ALA B 35 5.18 -8.85 2.75
N TRP B 36 5.81 -8.11 3.66
CA TRP B 36 5.12 -7.11 4.44
C TRP B 36 5.78 -5.76 4.19
N TYR B 37 4.95 -4.70 4.11
CA TYR B 37 5.44 -3.35 3.89
C TYR B 37 4.83 -2.42 4.93
N GLN B 38 5.58 -1.41 5.30
CA GLN B 38 5.10 -0.33 6.16
C GLN B 38 5.00 0.95 5.33
N GLN B 39 3.95 1.74 5.57
CA GLN B 39 3.87 3.05 4.92
C GLN B 39 3.53 4.07 5.98
N LYS B 40 4.49 4.94 6.29
CA LYS B 40 4.30 6.02 7.25
C LYS B 40 3.57 7.16 6.55
N PRO B 41 2.84 7.98 7.30
CA PRO B 41 2.12 9.12 6.69
C PRO B 41 3.02 10.03 5.86
N GLY B 42 2.57 10.33 4.64
CA GLY B 42 3.30 11.15 3.70
C GLY B 42 4.53 10.55 3.05
N GLN B 43 4.76 9.24 3.18
CA GLN B 43 5.99 8.61 2.71
C GLN B 43 5.68 7.41 1.81
N ALA B 44 6.67 7.00 1.03
CA ALA B 44 6.56 5.80 0.22
C ALA B 44 6.56 4.56 1.11
N PRO B 45 5.95 3.46 0.65
CA PRO B 45 6.07 2.17 1.34
C PRO B 45 7.51 1.72 1.45
N ARG B 46 7.77 0.90 2.46
N ARG B 46 7.76 0.87 2.44
CA ARG B 46 9.07 0.33 2.77
CA ARG B 46 9.09 0.34 2.71
C ARG B 46 8.93 -1.16 3.04
C ARG B 46 8.96 -1.15 3.06
N LEU B 47 9.84 -1.97 2.47
CA LEU B 47 9.81 -3.41 2.75
C LEU B 47 10.26 -3.69 4.18
N LEU B 48 9.46 -4.46 4.93
CA LEU B 48 9.83 -4.95 6.26
C LEU B 48 10.31 -6.39 6.26
N ILE B 49 9.49 -7.30 5.72
CA ILE B 49 9.70 -8.76 5.80
C ILE B 49 9.53 -9.29 4.40
N TYR B 50 10.47 -10.14 3.94
CA TYR B 50 10.33 -10.76 2.63
C TYR B 50 10.24 -12.28 2.77
N ASP B 51 9.54 -12.90 1.82
CA ASP B 51 9.20 -14.32 1.81
C ASP B 51 8.90 -14.85 3.22
N ALA B 52 7.87 -14.25 3.79
CA ALA B 52 7.16 -14.67 5.00
C ALA B 52 7.93 -14.40 6.30
N SER B 53 9.23 -14.67 6.35
CA SER B 53 9.89 -14.69 7.65
C SER B 53 11.25 -14.00 7.70
N ASN B 54 11.71 -13.40 6.62
CA ASN B 54 13.05 -12.83 6.56
C ASN B 54 12.98 -11.32 6.78
N ARG B 55 13.71 -10.82 7.75
CA ARG B 55 13.68 -9.38 8.02
C ARG B 55 14.59 -8.62 7.04
N ALA B 56 14.09 -7.54 6.48
CA ALA B 56 14.86 -6.74 5.54
C ALA B 56 16.00 -5.99 6.24
N SER B 57 17.05 -5.70 5.48
CA SER B 57 18.20 -4.98 6.01
C SER B 57 17.78 -3.59 6.47
N GLY B 58 18.30 -3.16 7.61
CA GLY B 58 17.92 -1.88 8.17
C GLY B 58 16.66 -1.90 9.01
N ILE B 59 15.94 -3.01 9.05
CA ILE B 59 14.67 -3.07 9.78
C ILE B 59 14.95 -3.48 11.23
N PRO B 60 14.41 -2.76 12.21
CA PRO B 60 14.69 -3.10 13.61
C PRO B 60 14.22 -4.51 13.99
N ALA B 61 14.93 -5.11 14.96
CA ALA B 61 14.69 -6.47 15.41
C ALA B 61 13.28 -6.69 15.97
N ARG B 62 12.61 -5.64 16.44
CA ARG B 62 11.29 -5.82 17.01
C ARG B 62 10.25 -6.25 15.99
N PHE B 63 10.55 -6.17 14.70
CA PHE B 63 9.68 -6.66 13.63
C PHE B 63 10.00 -8.12 13.32
N SER B 64 8.97 -8.96 13.21
CA SER B 64 9.19 -10.33 12.75
C SER B 64 7.93 -10.83 12.05
N GLY B 65 8.11 -11.78 11.14
CA GLY B 65 7.01 -12.36 10.40
C GLY B 65 7.11 -13.87 10.45
N SER B 66 5.95 -14.52 10.37
CA SER B 66 5.91 -15.98 10.36
C SER B 66 4.70 -16.43 9.56
N GLY B 67 4.64 -17.73 9.27
CA GLY B 67 3.54 -18.31 8.52
C GLY B 67 3.94 -18.89 7.18
N SER B 68 3.13 -19.80 6.66
CA SER B 68 3.30 -20.40 5.35
C SER B 68 1.92 -20.84 4.88
N GLY B 69 1.74 -20.99 3.58
CA GLY B 69 0.47 -21.48 3.12
C GLY B 69 -0.56 -20.35 3.01
N THR B 70 -1.51 -20.28 3.95
CA THR B 70 -2.55 -19.26 3.87
C THR B 70 -2.60 -18.31 5.05
N ASP B 71 -1.89 -18.59 6.13
N ASP B 71 -1.88 -18.58 6.13
CA ASP B 71 -2.00 -17.80 7.34
CA ASP B 71 -2.01 -17.82 7.36
C ASP B 71 -0.65 -17.20 7.69
C ASP B 71 -0.65 -17.21 7.72
N PHE B 72 -0.59 -15.87 7.77
CA PHE B 72 0.64 -15.13 8.01
C PHE B 72 0.43 -14.08 9.09
N THR B 73 1.49 -13.81 9.86
CA THR B 73 1.44 -12.88 10.98
C THR B 73 2.67 -11.98 10.94
N LEU B 74 2.46 -10.69 11.17
CA LEU B 74 3.54 -9.73 11.42
C LEU B 74 3.44 -9.33 12.88
N THR B 75 4.54 -9.45 13.61
CA THR B 75 4.56 -9.11 15.03
C THR B 75 5.54 -7.95 15.26
N ILE B 76 5.10 -6.98 16.04
CA ILE B 76 5.95 -5.89 16.50
C ILE B 76 6.01 -6.07 18.00
N SER B 77 7.17 -6.54 18.49
CA SER B 77 7.25 -7.00 19.88
C SER B 77 6.92 -5.89 20.87
N SER B 78 7.35 -4.67 20.60
CA SER B 78 7.07 -3.56 21.51
C SER B 78 7.01 -2.30 20.65
N LEU B 79 5.83 -1.69 20.54
CA LEU B 79 5.64 -0.57 19.62
C LEU B 79 6.44 0.65 20.02
N GLU B 80 7.13 1.29 19.02
CA GLU B 80 7.70 2.62 19.15
C GLU B 80 6.80 3.62 18.45
N PRO B 81 6.84 4.89 18.87
CA PRO B 81 5.97 5.90 18.24
C PRO B 81 6.08 5.93 16.73
N GLU B 82 7.26 5.66 16.18
CA GLU B 82 7.37 5.70 14.73
C GLU B 82 6.70 4.52 14.04
N ASP B 83 6.28 3.50 14.78
CA ASP B 83 5.64 2.33 14.18
C ASP B 83 4.14 2.51 13.97
N PHE B 84 3.57 3.64 14.34
CA PHE B 84 2.16 3.88 14.07
C PHE B 84 2.05 4.33 12.63
N ALA B 85 1.49 3.48 11.79
CA ALA B 85 1.59 3.55 10.33
C ALA B 85 0.57 2.57 9.73
N VAL B 86 0.58 2.42 8.42
CA VAL B 86 -0.24 1.37 7.80
C VAL B 86 0.70 0.28 7.29
N TYR B 87 0.26 -0.97 7.43
CA TYR B 87 1.02 -2.16 7.05
C TYR B 87 0.23 -2.94 6.00
N TYR B 88 0.90 -3.32 4.92
CA TYR B 88 0.32 -4.05 3.80
C TYR B 88 1.07 -5.36 3.60
N CYS B 89 0.33 -6.43 3.28
N CYS B 89 0.32 -6.38 3.22
CA CYS B 89 0.97 -7.65 2.80
CA CYS B 89 0.95 -7.59 2.72
C CYS B 89 0.82 -7.75 1.28
C CYS B 89 0.96 -7.58 1.22
N GLN B 90 1.67 -8.56 0.65
CA GLN B 90 1.68 -8.69 -0.80
C GLN B 90 2.22 -10.07 -1.15
N GLN B 91 1.54 -10.82 -2.03
CA GLN B 91 2.04 -12.15 -2.40
C GLN B 91 2.68 -12.08 -3.78
N ARG B 92 3.74 -12.88 -3.97
CA ARG B 92 4.36 -13.03 -5.27
C ARG B 92 4.30 -14.47 -5.76
N ARG B 93 3.39 -15.30 -5.20
CA ARG B 93 3.28 -16.69 -5.70
C ARG B 93 2.87 -16.75 -7.18
N ASN B 94 1.89 -15.96 -7.59
N ASN B 94 1.92 -15.92 -7.60
CA ASN B 94 1.48 -16.04 -8.99
CA ASN B 94 1.62 -15.97 -9.02
C ASN B 94 0.88 -14.71 -9.45
C ASN B 94 0.93 -14.70 -9.46
N TRP B 95 0.88 -14.55 -10.77
CA TRP B 95 0.20 -13.42 -11.39
C TRP B 95 -1.30 -13.47 -11.15
N PRO B 96 -1.97 -12.32 -10.95
CA PRO B 96 -1.34 -11.00 -10.76
C PRO B 96 -0.87 -10.87 -9.34
N LEU B 97 0.18 -10.11 -9.16
CA LEU B 97 0.62 -9.83 -7.80
C LEU B 97 -0.50 -9.07 -7.11
N THR B 98 -0.76 -9.37 -5.84
CA THR B 98 -1.86 -8.72 -5.14
C THR B 98 -1.42 -8.28 -3.76
N PHE B 99 -2.03 -7.19 -3.29
CA PHE B 99 -1.85 -6.61 -1.96
C PHE B 99 -3.07 -6.92 -1.09
N GLY B 100 -2.85 -7.06 0.22
CA GLY B 100 -3.98 -6.98 1.13
C GLY B 100 -4.44 -5.53 1.27
N GLY B 101 -5.58 -5.36 1.97
CA GLY B 101 -6.16 -4.01 2.06
C GLY B 101 -5.52 -3.07 3.08
N GLY B 102 -4.59 -3.56 3.89
CA GLY B 102 -3.92 -2.72 4.87
C GLY B 102 -4.53 -2.82 6.27
N THR B 103 -3.67 -2.73 7.29
CA THR B 103 -4.07 -2.61 8.70
C THR B 103 -3.40 -1.33 9.21
N LYS B 104 -4.20 -0.40 9.70
CA LYS B 104 -3.69 0.81 10.28
C LYS B 104 -3.41 0.58 11.76
N VAL B 105 -2.19 0.85 12.19
CA VAL B 105 -1.89 0.82 13.63
C VAL B 105 -1.97 2.25 14.15
N GLU B 106 -2.91 2.52 15.05
CA GLU B 106 -3.12 3.89 15.54
C GLU B 106 -3.02 3.90 17.05
N THR B 107 -2.88 5.11 17.59
CA THR B 107 -2.67 5.29 19.02
C THR B 107 -4.00 5.19 19.77
N LYS B 108 -4.00 4.36 20.81
CA LYS B 108 -5.16 4.22 21.66
C LYS B 108 -5.25 5.38 22.65
N ARG B 109 -6.47 5.82 22.96
CA ARG B 109 -6.73 6.75 24.04
C ARG B 109 -8.15 6.55 24.52
N THR B 110 -8.51 7.27 25.58
CA THR B 110 -9.86 7.14 26.12
C THR B 110 -10.88 7.76 25.15
N VAL B 111 -12.14 7.32 25.29
CA VAL B 111 -13.19 7.80 24.41
C VAL B 111 -13.38 9.30 24.64
N ALA B 112 -13.36 10.06 23.55
CA ALA B 112 -13.57 11.50 23.60
C ALA B 112 -14.69 11.85 22.63
N ALA B 113 -15.79 12.38 23.16
CA ALA B 113 -16.90 12.79 22.32
C ALA B 113 -16.55 14.05 21.52
N PRO B 114 -17.01 14.14 20.28
CA PRO B 114 -16.80 15.38 19.52
C PRO B 114 -17.59 16.52 20.11
N SER B 115 -16.99 17.71 20.09
CA SER B 115 -17.76 18.92 20.25
C SER B 115 -18.20 19.36 18.85
N VAL B 116 -19.47 19.71 18.71
CA VAL B 116 -20.07 19.89 17.39
C VAL B 116 -20.43 21.36 17.22
N PHE B 117 -20.16 21.88 16.02
CA PHE B 117 -20.46 23.26 15.66
C PHE B 117 -21.04 23.26 14.24
N ILE B 118 -22.03 24.13 14.00
CA ILE B 118 -22.56 24.29 12.65
C ILE B 118 -22.33 25.72 12.19
N PHE B 119 -21.98 25.90 10.91
CA PHE B 119 -21.74 27.21 10.31
C PHE B 119 -22.65 27.44 9.11
N PRO B 120 -23.55 28.42 9.14
CA PRO B 120 -24.36 28.75 7.97
C PRO B 120 -23.49 29.30 6.85
N PRO B 121 -24.01 29.40 5.62
CA PRO B 121 -23.26 30.10 4.57
C PRO B 121 -23.11 31.57 4.92
N SER B 122 -21.98 32.13 4.54
CA SER B 122 -21.74 33.55 4.72
C SER B 122 -22.58 34.36 3.73
N ASP B 123 -22.76 35.65 4.04
CA ASP B 123 -23.43 36.53 3.09
C ASP B 123 -22.62 36.71 1.82
N GLU B 124 -21.28 36.75 1.91
CA GLU B 124 -20.44 36.85 0.72
C GLU B 124 -20.72 35.71 -0.25
N GLN B 125 -20.78 34.47 0.26
CA GLN B 125 -20.96 33.33 -0.63
C GLN B 125 -22.35 33.32 -1.24
N LEU B 126 -23.36 33.72 -0.46
CA LEU B 126 -24.73 33.76 -0.98
C LEU B 126 -24.84 34.67 -2.21
N LYS B 127 -24.09 35.77 -2.24
CA LYS B 127 -24.12 36.65 -3.41
C LYS B 127 -23.70 35.92 -4.68
N SER B 128 -22.80 34.93 -4.54
CA SER B 128 -22.17 34.25 -5.66
C SER B 128 -23.02 33.11 -6.23
N GLY B 129 -24.15 32.77 -5.61
CA GLY B 129 -25.05 31.79 -6.17
C GLY B 129 -24.92 30.37 -5.65
N THR B 130 -24.01 30.14 -4.70
CA THR B 130 -23.89 28.83 -4.05
C THR B 130 -23.91 29.03 -2.55
N ALA B 131 -24.29 27.97 -1.85
CA ALA B 131 -24.34 28.00 -0.39
C ALA B 131 -23.64 26.76 0.12
N SER B 132 -22.73 26.94 1.07
CA SER B 132 -22.08 25.84 1.75
C SER B 132 -22.43 25.91 3.23
N VAL B 133 -22.92 24.82 3.78
CA VAL B 133 -23.19 24.67 5.21
C VAL B 133 -22.15 23.71 5.76
N VAL B 134 -21.44 24.11 6.81
CA VAL B 134 -20.31 23.33 7.32
C VAL B 134 -20.63 22.86 8.73
N CYS B 135 -20.36 21.58 9.00
CA CYS B 135 -20.51 20.99 10.32
C CYS B 135 -19.14 20.53 10.77
N LEU B 136 -18.73 20.95 11.97
CA LEU B 136 -17.42 20.64 12.52
C LEU B 136 -17.58 19.69 13.70
N LEU B 137 -16.80 18.60 13.67
CA LEU B 137 -16.66 17.64 14.77
C LEU B 137 -15.22 17.75 15.25
N ASN B 138 -15.03 18.21 16.48
CA ASN B 138 -13.71 18.62 16.95
C ASN B 138 -13.19 17.70 18.05
N ASN B 139 -11.96 17.18 17.84
CA ASN B 139 -11.18 16.47 18.86
C ASN B 139 -11.94 15.28 19.46
N PHE B 140 -12.18 14.25 18.63
CA PHE B 140 -12.92 13.09 19.10
C PHE B 140 -12.10 11.82 18.93
N TYR B 141 -12.55 10.74 19.58
CA TYR B 141 -11.91 9.43 19.54
C TYR B 141 -12.88 8.37 20.06
N PRO B 142 -13.08 7.24 19.34
CA PRO B 142 -12.35 6.82 18.14
C PRO B 142 -12.81 7.50 16.85
N ARG B 143 -12.19 7.09 15.74
N ARG B 143 -12.19 7.14 15.72
CA ARG B 143 -12.34 7.76 14.46
CA ARG B 143 -12.40 7.88 14.49
C ARG B 143 -13.76 7.62 13.92
C ARG B 143 -13.77 7.62 13.87
N GLU B 144 -14.38 6.46 14.12
CA GLU B 144 -15.69 6.19 13.54
C GLU B 144 -16.72 7.17 14.07
N ALA B 145 -17.38 7.86 13.14
CA ALA B 145 -18.41 8.86 13.41
C ALA B 145 -19.31 8.93 12.20
N LYS B 146 -20.59 9.22 12.44
CA LYS B 146 -21.58 9.37 11.38
C LYS B 146 -22.16 10.77 11.43
N VAL B 147 -22.24 11.43 10.29
CA VAL B 147 -22.85 12.76 10.20
C VAL B 147 -23.98 12.70 9.19
N GLN B 148 -25.18 13.09 9.63
CA GLN B 148 -26.34 13.15 8.76
C GLN B 148 -26.88 14.58 8.73
N TRP B 149 -27.21 15.04 7.53
CA TRP B 149 -27.77 16.36 7.32
C TRP B 149 -29.28 16.28 7.20
N LYS B 150 -29.98 17.18 7.89
CA LYS B 150 -31.43 17.30 7.78
C LYS B 150 -31.77 18.74 7.40
N VAL B 151 -32.65 18.88 6.43
CA VAL B 151 -33.11 20.17 5.93
C VAL B 151 -34.63 20.13 6.02
N ASP B 152 -35.18 20.93 6.93
CA ASP B 152 -36.61 20.86 7.29
C ASP B 152 -36.98 19.46 7.77
N ASN B 153 -36.13 18.89 8.62
N ASN B 153 -36.11 18.89 8.59
CA ASN B 153 -36.31 17.54 9.19
CA ASN B 153 -36.32 17.57 9.18
C ASN B 153 -36.39 16.46 8.11
C ASN B 153 -36.38 16.46 8.12
N ALA B 154 -35.77 16.71 6.96
CA ALA B 154 -35.66 15.72 5.89
C ALA B 154 -34.21 15.32 5.66
N LEU B 155 -33.97 14.01 5.51
CA LEU B 155 -32.61 13.48 5.43
C LEU B 155 -32.01 13.70 4.04
N GLN B 156 -30.79 14.23 4.00
CA GLN B 156 -30.09 14.51 2.75
C GLN B 156 -29.18 13.36 2.38
N SER B 157 -28.97 13.19 1.08
CA SER B 157 -27.97 12.25 0.62
C SER B 157 -27.45 12.70 -0.74
N GLY B 158 -26.16 12.50 -0.96
CA GLY B 158 -25.54 12.78 -2.23
C GLY B 158 -24.98 14.18 -2.39
N ASN B 159 -25.27 15.10 -1.48
CA ASN B 159 -24.87 16.49 -1.64
C ASN B 159 -23.95 16.96 -0.50
N SER B 160 -23.20 16.04 0.13
CA SER B 160 -22.28 16.42 1.19
C SER B 160 -20.98 15.61 1.08
N GLN B 161 -19.88 16.20 1.56
CA GLN B 161 -18.57 15.56 1.55
C GLN B 161 -17.92 15.74 2.92
N GLU B 162 -17.14 14.75 3.32
CA GLU B 162 -16.45 14.80 4.61
C GLU B 162 -14.94 14.89 4.38
N SER B 163 -14.23 15.49 5.35
CA SER B 163 -12.78 15.47 5.35
C SER B 163 -12.33 15.30 6.81
N VAL B 164 -11.27 14.52 7.03
CA VAL B 164 -10.87 14.14 8.38
C VAL B 164 -9.38 14.40 8.52
N THR B 165 -8.98 14.92 9.68
CA THR B 165 -7.57 15.11 9.92
C THR B 165 -6.91 13.77 10.23
N GLU B 166 -5.58 13.78 10.22
CA GLU B 166 -4.82 12.67 10.75
C GLU B 166 -4.84 12.76 12.27
N GLN B 167 -4.52 11.65 12.93
CA GLN B 167 -4.58 11.61 14.39
C GLN B 167 -3.66 12.67 14.99
N ASP B 168 -4.16 13.40 15.99
CA ASP B 168 -3.39 14.52 16.52
C ASP B 168 -2.17 14.02 17.28
N SER B 169 -1.01 14.62 17.01
CA SER B 169 0.20 14.18 17.70
C SER B 169 0.16 14.49 19.19
N LYS B 170 -0.59 15.52 19.59
CA LYS B 170 -0.63 15.91 20.99
C LYS B 170 -1.60 15.05 21.79
N ASP B 171 -2.87 15.03 21.41
CA ASP B 171 -3.93 14.39 22.20
C ASP B 171 -4.53 13.15 21.54
N SER B 172 -4.03 12.74 20.38
CA SER B 172 -4.45 11.52 19.70
C SER B 172 -5.91 11.54 19.26
N THR B 173 -6.51 12.70 19.08
CA THR B 173 -7.87 12.78 18.59
C THR B 173 -7.92 13.03 17.08
N TYR B 174 -9.11 12.91 16.54
CA TYR B 174 -9.43 13.24 15.17
C TYR B 174 -10.37 14.45 15.15
N SER B 175 -10.38 15.16 14.04
CA SER B 175 -11.42 16.15 13.82
C SER B 175 -11.95 15.93 12.42
N LEU B 176 -13.17 16.40 12.17
CA LEU B 176 -13.86 16.06 10.93
C LEU B 176 -14.75 17.21 10.50
N SER B 177 -14.80 17.46 9.19
CA SER B 177 -15.70 18.44 8.61
C SER B 177 -16.62 17.76 7.62
N SER B 178 -17.90 18.15 7.66
CA SER B 178 -18.89 17.75 6.68
C SER B 178 -19.46 19.01 6.07
N THR B 179 -19.46 19.09 4.74
CA THR B 179 -19.93 20.26 4.00
C THR B 179 -21.10 19.87 3.11
N LEU B 180 -22.24 20.50 3.35
CA LEU B 180 -23.44 20.39 2.52
C LEU B 180 -23.42 21.51 1.49
N THR B 181 -23.52 21.15 0.23
CA THR B 181 -23.44 22.08 -0.88
C THR B 181 -24.81 22.19 -1.51
N LEU B 182 -25.34 23.41 -1.62
CA LEU B 182 -26.65 23.64 -2.19
C LEU B 182 -26.59 24.87 -3.10
N SER B 183 -27.44 24.87 -4.12
CA SER B 183 -27.63 26.10 -4.89
C SER B 183 -28.26 27.17 -4.01
N LYS B 184 -27.92 28.43 -4.30
CA LYS B 184 -28.55 29.54 -3.59
C LYS B 184 -30.07 29.43 -3.64
N ALA B 185 -30.61 29.07 -4.81
CA ALA B 185 -32.05 28.93 -4.96
C ALA B 185 -32.61 27.89 -4.00
N ASP B 186 -31.97 26.71 -3.95
CA ASP B 186 -32.43 25.67 -3.02
C ASP B 186 -32.28 26.11 -1.57
N TYR B 187 -31.23 26.85 -1.27
CA TYR B 187 -30.99 27.25 0.11
C TYR B 187 -32.08 28.18 0.62
N GLU B 188 -32.53 29.12 -0.22
CA GLU B 188 -33.55 30.08 0.22
C GLU B 188 -34.96 29.49 0.23
N LYS B 189 -35.12 28.21 -0.09
CA LYS B 189 -36.43 27.57 -0.08
C LYS B 189 -36.78 27.01 1.29
N HIS B 190 -35.79 26.65 2.09
CA HIS B 190 -36.00 25.93 3.33
C HIS B 190 -35.53 26.76 4.52
N LYS B 191 -35.95 26.34 5.72
CA LYS B 191 -35.69 27.09 6.94
C LYS B 191 -34.68 26.43 7.87
N VAL B 192 -34.90 25.18 8.25
CA VAL B 192 -34.17 24.53 9.35
C VAL B 192 -33.08 23.65 8.78
N TYR B 193 -31.83 23.92 9.16
CA TYR B 193 -30.66 23.16 8.72
C TYR B 193 -29.99 22.55 9.94
N ALA B 194 -29.68 21.26 9.86
CA ALA B 194 -29.18 20.54 11.03
C ALA B 194 -28.20 19.47 10.58
N CYS B 195 -27.17 19.26 11.39
CA CYS B 195 -26.32 18.07 11.25
C CYS B 195 -26.47 17.26 12.53
N GLU B 196 -26.72 15.97 12.38
CA GLU B 196 -26.82 15.05 13.49
C GLU B 196 -25.57 14.20 13.54
N VAL B 197 -24.96 14.08 14.72
CA VAL B 197 -23.68 13.41 14.89
C VAL B 197 -23.87 12.19 15.79
N THR B 198 -23.47 11.01 15.30
CA THR B 198 -23.50 9.78 16.07
C THR B 198 -22.06 9.37 16.35
N HIS B 199 -21.78 9.01 17.60
CA HIS B 199 -20.42 8.70 17.99
C HIS B 199 -20.43 7.91 19.30
N GLN B 200 -19.45 7.02 19.45
CA GLN B 200 -19.36 6.19 20.65
C GLN B 200 -19.41 7.02 21.94
N GLY B 201 -18.78 8.19 21.94
CA GLY B 201 -18.77 9.04 23.13
C GLY B 201 -20.05 9.80 23.45
N LEU B 202 -21.06 9.74 22.59
CA LEU B 202 -22.35 10.39 22.81
C LEU B 202 -23.39 9.33 23.15
N SER B 203 -23.97 9.43 24.35
N SER B 203 -23.99 9.44 24.33
CA SER B 203 -25.04 8.50 24.74
CA SER B 203 -25.02 8.48 24.72
C SER B 203 -26.18 8.55 23.74
C SER B 203 -26.22 8.55 23.79
N SER B 204 -26.50 9.73 23.23
CA SER B 204 -27.50 9.93 22.21
C SER B 204 -26.88 10.81 21.13
N PRO B 205 -27.30 10.69 19.89
CA PRO B 205 -26.73 11.54 18.83
C PRO B 205 -27.01 13.02 19.09
N VAL B 206 -26.04 13.85 18.75
CA VAL B 206 -26.09 15.28 19.05
C VAL B 206 -26.33 16.02 17.75
N THR B 207 -27.26 16.98 17.76
CA THR B 207 -27.51 17.81 16.60
C THR B 207 -27.22 19.28 16.89
N LYS B 208 -26.70 19.98 15.88
CA LYS B 208 -26.59 21.44 15.91
C LYS B 208 -27.38 21.97 14.72
N SER B 209 -28.22 22.97 14.96
CA SER B 209 -29.12 23.46 13.92
C SER B 209 -29.15 24.99 13.91
N PHE B 210 -29.69 25.56 12.82
CA PHE B 210 -30.00 26.98 12.79
C PHE B 210 -31.18 27.21 11.85
N ASN B 211 -31.85 28.35 12.05
CA ASN B 211 -32.90 28.82 11.16
C ASN B 211 -32.32 29.83 10.18
N ARG B 212 -32.55 29.59 8.89
CA ARG B 212 -32.04 30.48 7.86
C ARG B 212 -32.55 31.91 8.07
N GLY B 213 -31.63 32.86 8.14
CA GLY B 213 -31.97 34.23 8.45
C GLY B 213 -31.95 34.57 9.92
N GLU B 214 -31.26 33.77 10.73
CA GLU B 214 -31.19 33.98 12.18
C GLU B 214 -32.56 34.20 12.80
N ALA C 1 -4.20 -41.70 -9.49
CA ALA C 1 -3.02 -42.43 -9.03
C ALA C 1 -1.85 -41.48 -8.92
N ASN C 2 -1.97 -40.49 -8.02
CA ASN C 2 -1.02 -39.40 -7.98
C ASN C 2 0.42 -39.90 -7.90
N MET C 3 0.70 -40.81 -6.96
CA MET C 3 2.09 -41.21 -6.71
C MET C 3 2.72 -41.88 -7.93
N ASN C 4 1.93 -42.64 -8.70
CA ASN C 4 2.44 -43.26 -9.92
C ASN C 4 2.50 -42.31 -11.11
N ASN C 5 1.78 -41.19 -11.06
CA ASN C 5 1.72 -40.24 -12.17
C ASN C 5 2.69 -39.09 -12.02
N THR C 6 3.62 -39.15 -11.06
CA THR C 6 4.53 -38.05 -10.78
C THR C 6 5.92 -38.60 -10.45
N ALA C 7 6.94 -37.94 -11.00
CA ALA C 7 8.32 -38.39 -10.94
C ALA C 7 9.25 -37.24 -11.33
N SER C 8 10.51 -37.39 -10.94
CA SER C 8 11.55 -36.47 -11.40
C SER C 8 11.69 -36.55 -12.92
N TRP C 9 11.94 -35.41 -13.54
CA TRP C 9 12.25 -35.41 -14.97
C TRP C 9 13.54 -36.16 -15.30
N PHE C 10 14.43 -36.33 -14.32
CA PHE C 10 15.77 -36.86 -14.56
C PHE C 10 16.00 -38.18 -13.86
N THR C 11 16.95 -38.94 -14.39
CA THR C 11 17.48 -40.10 -13.69
C THR C 11 18.19 -39.66 -12.40
N ALA C 12 18.45 -40.62 -11.52
CA ALA C 12 19.03 -40.26 -10.23
C ALA C 12 20.55 -40.10 -10.29
N LEU C 13 21.07 -39.28 -9.38
CA LEU C 13 22.50 -39.31 -9.01
C LEU C 13 22.65 -40.33 -7.89
N THR C 14 23.34 -41.43 -8.19
CA THR C 14 23.53 -42.49 -7.21
C THR C 14 24.72 -42.15 -6.33
N GLN C 15 24.53 -42.29 -5.03
CA GLN C 15 25.56 -42.01 -4.05
C GLN C 15 26.31 -43.30 -3.81
N HIS C 16 27.53 -43.40 -4.35
CA HIS C 16 28.30 -44.63 -4.26
C HIS C 16 29.20 -44.72 -3.04
N GLY C 17 29.41 -43.62 -2.31
CA GLY C 17 30.21 -43.67 -1.11
C GLY C 17 29.53 -43.07 0.10
N LYS C 18 30.30 -42.71 1.13
CA LYS C 18 29.74 -42.23 2.41
C LYS C 18 29.38 -40.75 2.38
N GLU C 19 29.70 -40.04 1.31
CA GLU C 19 29.45 -38.60 1.28
C GLU C 19 28.06 -38.28 0.74
N ASP C 20 27.33 -37.42 1.47
CA ASP C 20 26.08 -36.86 0.95
C ASP C 20 26.32 -35.97 -0.27
N LEU C 21 25.28 -35.83 -1.08
CA LEU C 21 25.31 -34.94 -2.23
C LEU C 21 25.37 -33.49 -1.77
N LYS C 22 26.12 -32.66 -2.49
CA LYS C 22 26.26 -31.23 -2.24
C LYS C 22 26.92 -30.60 -3.45
N PHE C 23 26.66 -29.31 -3.71
CA PHE C 23 27.30 -28.64 -4.83
C PHE C 23 27.71 -27.24 -4.39
N PRO C 24 28.82 -26.71 -4.92
CA PRO C 24 29.09 -25.28 -4.76
C PRO C 24 27.91 -24.44 -5.28
N ARG C 25 27.67 -23.31 -4.61
CA ARG C 25 26.64 -22.38 -5.05
C ARG C 25 26.91 -21.97 -6.49
N GLY C 26 25.91 -22.14 -7.36
CA GLY C 26 26.07 -21.89 -8.77
C GLY C 26 26.12 -23.15 -9.63
N GLN C 27 26.38 -24.30 -9.03
CA GLN C 27 26.55 -25.54 -9.77
C GLN C 27 25.44 -26.51 -9.39
N GLY C 28 25.26 -27.55 -10.21
CA GLY C 28 24.43 -28.68 -9.83
C GLY C 28 23.10 -28.83 -10.55
N VAL C 29 22.65 -27.83 -11.30
CA VAL C 29 21.38 -27.97 -12.02
C VAL C 29 21.62 -28.86 -13.23
N PRO C 30 20.83 -29.93 -13.41
CA PRO C 30 20.99 -30.80 -14.58
C PRO C 30 20.81 -30.03 -15.87
N ILE C 31 21.45 -30.52 -16.93
CA ILE C 31 21.25 -29.91 -18.24
C ILE C 31 19.87 -30.29 -18.76
N ASN C 32 19.11 -29.32 -19.21
CA ASN C 32 17.83 -29.61 -19.86
C ASN C 32 17.63 -28.64 -21.02
N THR C 33 17.70 -29.17 -22.24
CA THR C 33 17.49 -28.36 -23.43
C THR C 33 16.06 -27.86 -23.60
N ASN C 34 15.10 -28.35 -22.81
CA ASN C 34 13.75 -27.82 -22.83
C ASN C 34 13.49 -26.75 -21.75
N SER C 35 14.53 -26.15 -21.14
CA SER C 35 14.35 -25.14 -20.11
C SER C 35 15.12 -23.86 -20.47
N SER C 36 14.75 -22.71 -19.88
CA SER C 36 15.52 -21.49 -20.12
C SER C 36 16.38 -21.11 -18.90
N PRO C 37 17.40 -20.24 -19.06
CA PRO C 37 18.21 -19.78 -17.88
C PRO C 37 17.40 -19.35 -16.64
N ASP C 38 16.27 -18.69 -16.84
CA ASP C 38 15.37 -18.34 -15.74
C ASP C 38 14.98 -19.56 -14.93
N ASP C 39 14.93 -20.74 -15.56
CA ASP C 39 14.33 -21.90 -14.90
C ASP C 39 15.31 -22.70 -14.05
N GLN C 40 16.59 -22.31 -13.95
CA GLN C 40 17.65 -23.24 -13.51
C GLN C 40 17.84 -23.15 -12.00
N ILE C 41 16.96 -23.84 -11.28
CA ILE C 41 16.95 -23.72 -9.82
C ILE C 41 16.04 -24.80 -9.30
N GLY C 42 16.44 -25.48 -8.24
CA GLY C 42 15.61 -26.53 -7.67
C GLY C 42 16.40 -27.29 -6.61
N TYR C 43 15.94 -28.50 -6.31
CA TYR C 43 16.54 -29.25 -5.22
C TYR C 43 16.72 -30.70 -5.63
N TYR C 44 17.63 -31.36 -4.93
CA TYR C 44 17.74 -32.80 -4.98
C TYR C 44 17.17 -33.36 -3.69
N ARG C 45 16.43 -34.45 -3.82
CA ARG C 45 15.84 -35.16 -2.70
C ARG C 45 16.39 -36.58 -2.62
N ARG C 46 16.83 -36.97 -1.43
CA ARG C 46 17.37 -38.31 -1.23
C ARG C 46 16.29 -39.38 -1.09
N ALA C 47 16.51 -40.52 -1.74
CA ALA C 47 15.70 -41.71 -1.57
C ALA C 47 16.61 -42.92 -1.29
N THR C 48 16.24 -43.74 -0.32
CA THR C 48 17.02 -44.94 -0.01
C THR C 48 16.09 -46.14 0.11
N ARG C 49 16.52 -47.27 -0.43
CA ARG C 49 15.72 -48.47 -0.36
C ARG C 49 16.48 -49.57 0.39
N ARG C 50 15.74 -50.59 0.78
CA ARG C 50 16.25 -51.71 1.57
C ARG C 50 15.84 -53.00 0.89
N ILE C 51 16.75 -53.97 0.82
CA ILE C 51 16.42 -55.28 0.28
C ILE C 51 17.16 -56.34 1.09
N ARG C 52 16.70 -57.58 0.95
CA ARG C 52 17.28 -58.68 1.68
C ARG C 52 18.65 -59.02 1.10
N GLY C 53 19.69 -58.92 1.92
CA GLY C 53 21.02 -59.26 1.46
C GLY C 53 21.18 -60.75 1.27
N GLY C 54 22.29 -61.11 0.63
CA GLY C 54 22.62 -62.50 0.36
C GLY C 54 22.84 -63.34 1.60
N ASP C 55 22.92 -62.72 2.77
CA ASP C 55 23.12 -63.42 4.03
C ASP C 55 21.91 -63.33 4.96
N GLY C 56 20.73 -63.03 4.43
CA GLY C 56 19.49 -63.09 5.17
C GLY C 56 19.06 -61.81 5.85
N LYS C 57 19.95 -60.83 5.98
CA LYS C 57 19.64 -59.60 6.70
C LYS C 57 19.24 -58.50 5.73
N MET C 58 18.37 -57.61 6.20
CA MET C 58 18.06 -56.41 5.42
C MET C 58 19.28 -55.51 5.33
N LYS C 59 19.47 -54.91 4.17
CA LYS C 59 20.60 -54.03 3.92
C LYS C 59 20.11 -52.85 3.10
N ASP C 60 20.77 -51.71 3.27
CA ASP C 60 20.46 -50.53 2.47
C ASP C 60 21.19 -50.60 1.13
N LEU C 61 20.48 -50.24 0.07
CA LEU C 61 21.14 -50.00 -1.19
C LEU C 61 21.76 -48.60 -1.18
N SER C 62 22.57 -48.31 -2.19
CA SER C 62 23.12 -46.98 -2.30
C SER C 62 21.99 -45.97 -2.42
N PRO C 63 22.08 -44.82 -1.75
CA PRO C 63 21.05 -43.79 -1.93
C PRO C 63 21.04 -43.22 -3.34
N ARG C 64 19.86 -42.78 -3.76
N ARG C 64 19.87 -42.72 -3.74
CA ARG C 64 19.63 -42.12 -5.03
CA ARG C 64 19.71 -42.10 -5.04
C ARG C 64 19.14 -40.71 -4.72
C ARG C 64 19.08 -40.73 -4.84
N TRP C 65 19.67 -39.71 -5.43
CA TRP C 65 19.22 -38.34 -5.28
C TRP C 65 18.53 -37.90 -6.56
N TYR C 66 17.30 -37.42 -6.46
CA TYR C 66 16.53 -36.97 -7.63
C TYR C 66 16.33 -35.46 -7.64
N PHE C 67 16.47 -34.84 -8.81
CA PHE C 67 16.29 -33.40 -8.95
C PHE C 67 14.85 -33.05 -9.28
N TYR C 68 14.33 -32.02 -8.59
CA TYR C 68 13.04 -31.38 -8.89
C TYR C 68 13.21 -29.88 -9.00
N TYR C 69 12.60 -29.29 -10.02
CA TYR C 69 12.64 -27.83 -10.12
C TYR C 69 11.95 -27.22 -8.91
N LEU C 70 12.44 -26.06 -8.50
CA LEU C 70 11.83 -25.23 -7.46
C LEU C 70 10.31 -25.16 -7.55
N GLY C 71 9.65 -25.37 -6.42
CA GLY C 71 8.21 -25.30 -6.41
C GLY C 71 7.49 -26.47 -7.06
N THR C 72 8.17 -27.58 -7.33
CA THR C 72 7.57 -28.82 -7.90
C THR C 72 7.96 -30.00 -7.04
N GLY C 73 7.23 -31.10 -7.19
CA GLY C 73 7.69 -32.36 -6.65
C GLY C 73 7.30 -32.51 -5.19
N PRO C 74 7.92 -33.47 -4.51
CA PRO C 74 7.51 -33.79 -3.13
C PRO C 74 7.75 -32.67 -2.15
N GLU C 75 8.69 -31.79 -2.41
CA GLU C 75 8.88 -30.62 -1.56
C GLU C 75 8.52 -29.34 -2.33
N ALA C 76 7.40 -29.38 -3.06
CA ALA C 76 6.94 -28.21 -3.83
C ALA C 76 6.74 -26.97 -2.96
N GLY C 77 6.34 -27.13 -1.71
CA GLY C 77 6.09 -25.98 -0.85
C GLY C 77 7.32 -25.33 -0.25
N LEU C 78 8.48 -25.96 -0.33
CA LEU C 78 9.67 -25.40 0.33
C LEU C 78 10.18 -24.21 -0.46
N PRO C 79 10.52 -23.10 0.21
CA PRO C 79 11.27 -22.04 -0.45
C PRO C 79 12.72 -22.41 -0.69
N TYR C 80 13.29 -21.84 -1.73
CA TYR C 80 14.69 -22.01 -2.02
C TYR C 80 15.56 -21.72 -0.80
N GLY C 81 16.42 -22.67 -0.44
CA GLY C 81 17.30 -22.53 0.72
C GLY C 81 16.74 -23.04 2.03
N ALA C 82 15.50 -23.56 2.05
CA ALA C 82 14.99 -24.13 3.29
C ALA C 82 15.79 -25.36 3.70
N ASN C 83 15.97 -25.50 5.01
CA ASN C 83 16.83 -26.53 5.56
C ASN C 83 16.02 -27.77 5.89
N LYS C 84 16.37 -28.90 5.28
CA LYS C 84 15.64 -30.13 5.53
C LYS C 84 16.54 -31.31 5.21
N ASP C 85 16.59 -32.26 6.13
CA ASP C 85 17.42 -33.43 5.90
C ASP C 85 16.99 -34.14 4.62
N GLY C 86 17.98 -34.51 3.80
CA GLY C 86 17.75 -35.16 2.52
C GLY C 86 17.39 -34.24 1.37
N ILE C 87 17.43 -32.93 1.59
CA ILE C 87 17.13 -31.92 0.58
C ILE C 87 18.33 -31.02 0.45
N ILE C 88 18.87 -30.89 -0.76
CA ILE C 88 19.96 -29.95 -1.01
C ILE C 88 19.58 -29.08 -2.20
N TRP C 89 19.99 -27.79 -2.15
CA TRP C 89 19.51 -26.77 -3.09
C TRP C 89 20.57 -26.47 -4.14
N VAL C 90 20.15 -26.19 -5.38
CA VAL C 90 21.07 -25.83 -6.45
C VAL C 90 20.45 -24.68 -7.22
N ALA C 91 21.28 -23.77 -7.71
CA ALA C 91 20.76 -22.73 -8.58
C ALA C 91 21.87 -22.25 -9.48
N THR C 92 21.55 -21.99 -10.74
CA THR C 92 22.42 -21.21 -11.59
C THR C 92 22.24 -19.72 -11.29
N GLU C 93 23.34 -18.99 -11.20
CA GLU C 93 23.24 -17.58 -10.81
C GLU C 93 22.31 -16.82 -11.76
N GLY C 94 21.40 -16.03 -11.20
CA GLY C 94 20.47 -15.26 -11.99
C GLY C 94 19.14 -15.95 -12.25
N ALA C 95 19.00 -17.23 -11.89
CA ALA C 95 17.71 -17.92 -12.04
C ALA C 95 16.59 -17.16 -11.30
N LEU C 96 15.34 -17.31 -11.79
CA LEU C 96 14.20 -16.71 -11.10
C LEU C 96 13.83 -17.55 -9.87
N ASN C 97 13.73 -16.90 -8.71
CA ASN C 97 13.34 -17.53 -7.46
C ASN C 97 11.82 -17.65 -7.38
N THR C 98 11.27 -18.46 -8.29
CA THR C 98 9.83 -18.59 -8.48
C THR C 98 9.50 -20.06 -8.79
N PRO C 99 8.34 -20.56 -8.37
CA PRO C 99 8.00 -21.96 -8.70
C PRO C 99 7.88 -22.18 -10.21
N LYS C 100 8.31 -23.37 -10.67
CA LYS C 100 8.38 -23.68 -12.10
C LYS C 100 7.09 -24.37 -12.53
N ASP C 101 6.03 -23.57 -12.48
CA ASP C 101 4.68 -24.04 -12.78
C ASP C 101 4.54 -24.53 -14.20
N HIS C 102 5.41 -24.09 -15.13
CA HIS C 102 5.31 -24.50 -16.53
C HIS C 102 6.09 -25.78 -16.82
N ILE C 103 6.81 -26.31 -15.83
CA ILE C 103 7.59 -27.53 -15.99
C ILE C 103 6.95 -28.67 -15.22
N GLY C 104 6.58 -28.44 -13.96
CA GLY C 104 5.93 -29.48 -13.20
C GLY C 104 6.88 -30.69 -13.04
N THR C 105 6.26 -31.85 -12.82
CA THR C 105 6.97 -33.12 -12.75
C THR C 105 6.64 -33.96 -13.97
N ARG C 106 7.28 -35.13 -14.03
CA ARG C 106 7.18 -36.03 -15.17
C ARG C 106 6.11 -37.09 -14.90
N ASN C 107 5.31 -37.40 -15.92
CA ASN C 107 4.42 -38.56 -15.89
C ASN C 107 5.08 -39.69 -16.68
N PRO C 108 5.51 -40.79 -16.06
CA PRO C 108 6.12 -41.90 -16.83
C PRO C 108 5.28 -42.44 -17.99
N ALA C 109 3.94 -42.29 -17.93
CA ALA C 109 3.13 -42.80 -19.05
C ALA C 109 3.31 -41.95 -20.30
N ASN C 110 3.83 -40.73 -20.14
CA ASN C 110 4.04 -39.75 -21.21
C ASN C 110 5.48 -39.59 -21.62
N ASN C 111 6.41 -39.64 -20.68
CA ASN C 111 7.83 -39.37 -20.94
C ASN C 111 8.72 -40.29 -20.12
N ALA C 112 9.76 -40.80 -20.76
CA ALA C 112 10.86 -41.43 -20.05
C ALA C 112 11.71 -40.36 -19.39
N ALA C 113 12.50 -40.78 -18.40
CA ALA C 113 13.37 -39.83 -17.70
C ALA C 113 14.56 -39.38 -18.56
N ILE C 114 14.97 -38.15 -18.36
CA ILE C 114 16.14 -37.58 -19.04
C ILE C 114 17.38 -38.05 -18.29
N VAL C 115 18.35 -38.62 -19.02
CA VAL C 115 19.60 -39.03 -18.38
C VAL C 115 20.25 -37.78 -17.80
N LEU C 116 20.52 -37.79 -16.51
CA LEU C 116 21.01 -36.60 -15.83
C LEU C 116 22.43 -36.33 -16.30
N GLN C 117 22.68 -35.12 -16.78
CA GLN C 117 23.99 -34.67 -17.20
C GLN C 117 24.28 -33.33 -16.52
N LEU C 118 25.55 -33.07 -16.25
CA LEU C 118 25.98 -31.82 -15.64
C LEU C 118 27.02 -31.17 -16.53
N PRO C 119 27.06 -29.84 -16.53
CA PRO C 119 28.05 -29.13 -17.37
C PRO C 119 29.46 -29.60 -17.04
N GLN C 120 30.29 -29.70 -18.08
CA GLN C 120 31.68 -30.07 -17.89
C GLN C 120 32.29 -29.15 -16.84
N GLY C 121 33.08 -29.72 -15.94
CA GLY C 121 33.71 -28.93 -14.92
C GLY C 121 32.97 -28.84 -13.61
N THR C 122 31.78 -29.45 -13.52
CA THR C 122 31.01 -29.48 -12.28
C THR C 122 31.76 -30.28 -11.21
N THR C 123 31.79 -29.74 -10.00
CA THR C 123 32.41 -30.39 -8.85
C THR C 123 31.40 -31.32 -8.23
N LEU C 124 31.76 -32.59 -8.10
CA LEU C 124 30.91 -33.60 -7.47
C LEU C 124 31.65 -34.19 -6.29
N PRO C 125 30.98 -34.44 -5.15
CA PRO C 125 31.68 -35.13 -4.04
C PRO C 125 32.16 -36.53 -4.42
N LYS C 126 33.14 -37.04 -3.67
CA LYS C 126 33.58 -38.43 -3.87
C LYS C 126 32.39 -39.40 -3.88
N GLY C 127 32.44 -40.36 -4.80
CA GLY C 127 31.35 -41.32 -4.95
C GLY C 127 30.18 -40.89 -5.81
N PHE C 128 30.21 -39.71 -6.38
CA PHE C 128 29.26 -39.26 -7.38
C PHE C 128 29.96 -39.07 -8.72
N TYR C 129 29.30 -39.49 -9.80
CA TYR C 129 29.89 -39.46 -11.14
C TYR C 129 28.82 -39.08 -12.15
N ALA C 130 29.19 -38.29 -13.15
CA ALA C 130 28.27 -37.99 -14.25
C ALA C 130 29.04 -37.58 -15.52
C1 EDO D . -2.35 2.14 -23.38
O1 EDO D . -3.65 2.73 -23.27
C2 EDO D . -1.25 3.13 -23.03
O2 EDO D . -0.59 3.65 -24.18
C1 EDO E . 23.63 -7.45 -9.90
O1 EDO E . 23.28 -7.79 -8.56
C2 EDO E . 23.85 -8.72 -10.71
O2 EDO E . 23.97 -8.28 -12.07
C1 EDO F . -8.82 3.86 -22.94
O1 EDO F . -7.83 3.91 -21.87
C2 EDO F . -8.25 3.62 -24.34
O2 EDO F . -7.72 4.82 -24.98
C1 EDO G . -4.45 -4.25 -25.02
O1 EDO G . -3.06 -4.53 -25.16
C2 EDO G . -4.96 -4.96 -23.79
O2 EDO G . -6.40 -4.91 -23.76
C1 EDO H . -7.43 2.10 -15.05
O1 EDO H . -8.66 2.85 -15.11
C2 EDO H . -6.26 3.02 -15.45
O2 EDO H . -6.66 4.01 -16.41
I IOD I . 4.01 -11.26 -12.56
I IOD J . -13.31 16.27 -14.79
I IOD K . -6.33 -9.63 -18.36
I IOD L . -16.75 19.80 -0.68
C1 EDO M . 7.26 -13.07 -8.84
O1 EDO M . 7.38 -13.97 -7.74
C2 EDO M . 6.12 -13.57 -9.72
O2 EDO M . 6.62 -14.75 -10.38
C1 EDO N . -13.11 21.52 22.22
O1 EDO N . -13.81 22.13 21.13
C2 EDO N . -12.60 20.14 21.77
O2 EDO N . -13.62 19.14 21.88
I IOD O . -4.00 -5.40 -5.82
I IOD P . -23.11 25.65 16.94
I IOD Q . 14.25 -2.98 18.27
C1 EDO R . 5.31 -35.81 -5.03
O1 EDO R . 4.22 -35.58 -4.17
C2 EDO R . 5.16 -35.19 -6.40
O2 EDO R . 6.29 -35.67 -7.16
C1 EDO S . 24.97 -41.89 -11.97
O1 EDO S . 24.59 -41.77 -10.60
C2 EDO S . 25.95 -43.02 -12.05
O2 EDO S . 25.55 -44.04 -11.12
I IOD T . 30.42 -27.53 -1.58
I IOD U . 33.94 -34.96 -0.88
I IOD V . 12.58 -59.65 1.16
I IOD W . 4.53 -35.30 -18.90
I IOD X . 12.37 -38.65 -4.45
P PO4 Y . 33.61 -41.91 0.05
O1 PO4 Y . 34.17 -42.25 -1.30
O2 PO4 Y . 33.20 -43.21 0.70
O3 PO4 Y . 32.43 -40.96 -0.11
O4 PO4 Y . 34.62 -41.20 0.91
#